data_4L6Z
#
_entry.id   4L6Z
#
_cell.length_a   55.269
_cell.length_b   56.804
_cell.length_c   56.626
_cell.angle_alpha   90.00
_cell.angle_beta   112.59
_cell.angle_gamma   90.00
#
_symmetry.space_group_name_H-M   'P 1 21 1'
#
loop_
_entity.id
_entity.type
_entity.pdbx_description
1 polymer 'Poly [ADP-ribose] polymerase 3'
2 non-polymer 3-(4-oxo-3,4-dihydroquinazolin-2-yl)-N-[(1S)-1-(pyridin-4-yl)ethyl]propanamide
3 non-polymer 'DIMETHYL SULFOXIDE'
4 water water
#
_entity_poly.entity_id   1
_entity_poly.type   'polypeptide(L)'
_entity_poly.pdbx_seq_one_letter_code
;SMKRVQPCSLDPATQKLITNIFSKEMFKNTMALMDLDVKKMPLGKLSKQQIARGFEALEALEEALKGPTDGGQSLEELSS
HFYTVIPHNFGHSQPPPINSPELLQAKKDMLLVLADIELAQALQAVSEQEKTVEEVPHPLDRDYQLLKCQLQLLDSGAPE
YKVIQTYLEQTGSNHRCPTLQHIWKVNQEGEEDRFQAHSKLGNRKLLWHGTNMAVVAAILTSGLRIMPHSGGRVGKGIYF
ASENSKSAGYVIGMKCGAHHVGYMFLGEVALGREHHINTDNPSLKSPPPGFDSVIARGHTEPDPTQDTELELDGQQVVVP
QGQPVPCPEFSSSTFSQSEYLIYQESQCRLRYLLEVH
;
_entity_poly.pdbx_strand_id   A
#
loop_
_chem_comp.id
_chem_comp.type
_chem_comp.name
_chem_comp.formula
1DC non-polymer 3-(4-oxo-3,4-dihydroquinazolin-2-yl)-N-[(1S)-1-(pyridin-4-yl)ethyl]propanamide 'C18 H18 N4 O2'
DMS non-polymer 'DIMETHYL SULFOXIDE' 'C2 H6 O S'
#
# COMPACT_ATOMS: atom_id res chain seq x y z
N SER A 1 -3.94 -41.68 -1.12
CA SER A 1 -2.83 -41.79 -0.13
C SER A 1 -2.53 -40.43 0.48
N MET A 2 -2.10 -40.43 1.72
CA MET A 2 -1.89 -39.17 2.41
C MET A 2 -0.57 -38.49 2.10
N LYS A 3 -0.63 -37.19 1.82
CA LYS A 3 0.56 -36.48 1.41
C LYS A 3 1.31 -36.10 2.68
N ARG A 4 2.63 -36.06 2.59
CA ARG A 4 3.45 -35.57 3.66
C ARG A 4 3.45 -34.05 3.60
N VAL A 5 3.24 -33.44 4.77
CA VAL A 5 3.47 -32.00 4.97
C VAL A 5 4.89 -31.79 5.48
N GLN A 6 5.71 -31.10 4.70
CA GLN A 6 7.11 -30.94 5.03
C GLN A 6 7.23 -29.84 6.13
N PRO A 7 8.29 -29.90 6.96
CA PRO A 7 8.46 -28.95 8.05
C PRO A 7 8.62 -27.49 7.57
N CYS A 8 8.09 -26.52 8.30
CA CYS A 8 8.19 -25.12 7.87
C CYS A 8 9.65 -24.61 7.89
N SER A 9 10.09 -23.97 6.83
CA SER A 9 11.47 -23.44 6.76
C SER A 9 11.56 -22.03 7.38
N LEU A 10 10.41 -21.39 7.67
CA LEU A 10 10.39 -19.95 8.06
C LEU A 10 10.68 -19.70 9.54
N ASP A 11 11.39 -18.62 9.82
CA ASP A 11 11.57 -18.18 11.21
C ASP A 11 10.23 -17.68 11.82
N PRO A 12 10.14 -17.57 13.15
CA PRO A 12 8.86 -17.27 13.80
C PRO A 12 8.21 -15.94 13.34
N ALA A 13 9.02 -14.90 13.19
CA ALA A 13 8.50 -13.59 12.80
C ALA A 13 7.88 -13.67 11.41
N THR A 14 8.60 -14.32 10.50
CA THR A 14 8.11 -14.50 9.14
C THR A 14 6.85 -15.36 9.09
N GLN A 15 6.76 -16.44 9.88
CA GLN A 15 5.54 -17.24 9.93
C GLN A 15 4.33 -16.39 10.33
N LYS A 16 4.52 -15.54 11.33
CA LYS A 16 3.48 -14.65 11.82
C LYS A 16 3.05 -13.63 10.77
N LEU A 17 4.01 -13.04 10.06
CA LEU A 17 3.72 -12.12 8.91
C LEU A 17 2.86 -12.82 7.86
N ILE A 18 3.31 -14.00 7.43
CA ILE A 18 2.63 -14.74 6.39
C ILE A 18 1.22 -15.17 6.85
N THR A 19 1.09 -15.58 8.11
CA THR A 19 -0.23 -15.85 8.71
C THR A 19 -1.11 -14.60 8.65
N ASN A 20 -0.56 -13.46 9.02
CA ASN A 20 -1.40 -12.22 9.10
C ASN A 20 -1.88 -11.78 7.72
N ILE A 21 -1.01 -11.82 6.71
CA ILE A 21 -1.29 -11.17 5.44
C ILE A 21 -2.17 -12.04 4.54
N PHE A 22 -2.30 -13.29 4.89
CA PHE A 22 -3.24 -14.16 4.19
C PHE A 22 -4.45 -14.57 5.06
N SER A 23 -4.57 -14.01 6.26
CA SER A 23 -5.63 -14.41 7.19
C SER A 23 -7.03 -14.07 6.66
N LYS A 24 -7.89 -15.10 6.63
CA LYS A 24 -9.27 -14.89 6.23
C LYS A 24 -9.99 -13.96 7.19
N GLU A 25 -9.71 -14.09 8.48
CA GLU A 25 -10.26 -13.15 9.46
C GLU A 25 -9.86 -11.70 9.15
N MET A 26 -8.60 -11.50 8.81
CA MET A 26 -8.07 -10.18 8.49
C MET A 26 -8.81 -9.59 7.29
N PHE A 27 -8.96 -10.38 6.25
CA PHE A 27 -9.66 -9.97 5.05
C PHE A 27 -11.15 -9.61 5.33
N LYS A 28 -11.86 -10.51 6.01
CA LYS A 28 -13.25 -10.24 6.39
C LYS A 28 -13.37 -9.02 7.30
N ASN A 29 -12.40 -8.84 8.22
CA ASN A 29 -12.37 -7.65 9.09
C ASN A 29 -12.26 -6.39 8.24
N THR A 30 -11.36 -6.43 7.27
CA THR A 30 -11.16 -5.32 6.37
C THR A 30 -12.46 -5.01 5.59
N MET A 31 -13.11 -6.05 5.11
CA MET A 31 -14.38 -5.88 4.42
C MET A 31 -15.47 -5.27 5.34
N ALA A 32 -15.55 -5.72 6.59
CA ALA A 32 -16.50 -5.12 7.54
C ALA A 32 -16.17 -3.63 7.84
N LEU A 33 -14.89 -3.31 7.97
CA LEU A 33 -14.47 -1.95 8.14
C LEU A 33 -14.82 -1.09 6.92
N MET A 34 -15.01 -1.69 5.75
CA MET A 34 -15.37 -0.89 4.57
C MET A 34 -16.88 -0.94 4.29
N ASP A 35 -17.66 -1.41 5.27
CA ASP A 35 -19.12 -1.51 5.14
C ASP A 35 -19.63 -2.56 4.18
N LEU A 36 -18.82 -3.55 3.86
CA LEU A 36 -19.25 -4.59 2.93
C LEU A 36 -20.02 -5.69 3.64
N ASP A 37 -20.94 -6.31 2.93
CA ASP A 37 -21.72 -7.38 3.51
C ASP A 37 -20.99 -8.69 3.21
N VAL A 38 -20.24 -9.14 4.20
CA VAL A 38 -19.40 -10.33 4.04
C VAL A 38 -20.21 -11.62 3.92
N LYS A 39 -21.43 -11.64 4.45
CA LYS A 39 -22.32 -12.80 4.29
C LYS A 39 -22.83 -12.95 2.86
N LYS A 40 -23.09 -11.82 2.18
CA LYS A 40 -23.48 -11.85 0.78
C LYS A 40 -22.29 -11.82 -0.19
N MET A 41 -21.09 -11.58 0.32
CA MET A 41 -19.91 -11.50 -0.54
C MET A 41 -18.79 -12.19 0.17
N PRO A 42 -18.89 -13.53 0.34
CA PRO A 42 -17.83 -14.20 1.05
C PRO A 42 -16.54 -14.21 0.23
N LEU A 43 -15.43 -14.42 0.93
CA LEU A 43 -14.11 -14.27 0.37
C LEU A 43 -13.90 -15.07 -0.87
N GLY A 44 -14.37 -16.31 -0.80
CA GLY A 44 -14.22 -17.25 -1.87
C GLY A 44 -15.12 -16.98 -3.04
N LYS A 45 -16.11 -16.12 -2.88
CA LYS A 45 -17.04 -15.82 -3.98
C LYS A 45 -16.66 -14.52 -4.67
N LEU A 46 -15.73 -13.74 -4.11
CA LEU A 46 -15.21 -12.54 -4.76
C LEU A 46 -14.65 -12.89 -6.11
N SER A 47 -14.98 -12.10 -7.12
CA SER A 47 -14.48 -12.32 -8.46
C SER A 47 -14.02 -11.06 -9.15
N LYS A 48 -13.10 -11.24 -10.09
CA LYS A 48 -12.65 -10.14 -10.92
C LYS A 48 -13.80 -9.48 -11.70
N GLN A 49 -14.73 -10.28 -12.21
CA GLN A 49 -15.87 -9.78 -12.95
C GLN A 49 -16.74 -8.89 -12.05
N GLN A 50 -16.94 -9.31 -10.80
CA GLN A 50 -17.82 -8.57 -9.91
C GLN A 50 -17.18 -7.20 -9.63
N ILE A 51 -15.89 -7.23 -9.29
CA ILE A 51 -15.13 -6.02 -9.08
C ILE A 51 -15.16 -5.11 -10.31
N ALA A 52 -14.96 -5.67 -11.52
CA ALA A 52 -15.05 -4.86 -12.76
C ALA A 52 -16.44 -4.19 -12.94
N ARG A 53 -17.51 -4.95 -12.70
CA ARG A 53 -18.88 -4.39 -12.75
C ARG A 53 -19.12 -3.27 -11.73
N GLY A 54 -18.45 -3.39 -10.58
CA GLY A 54 -18.46 -2.35 -9.55
C GLY A 54 -17.84 -1.06 -10.04
N PHE A 55 -16.69 -1.15 -10.71
CA PHE A 55 -16.05 0.03 -11.26
C PHE A 55 -16.91 0.62 -12.39
N GLU A 56 -17.56 -0.22 -13.19
CA GLU A 56 -18.49 0.29 -14.24
C GLU A 56 -19.65 1.06 -13.62
N ALA A 57 -20.14 0.58 -12.49
CA ALA A 57 -21.24 1.29 -11.81
C ALA A 57 -20.77 2.64 -11.26
N LEU A 58 -19.53 2.68 -10.74
CA LEU A 58 -18.99 3.95 -10.24
C LEU A 58 -18.64 4.92 -11.38
N GLU A 59 -18.16 4.39 -12.50
CA GLU A 59 -17.96 5.21 -13.72
C GLU A 59 -19.27 5.89 -14.21
N ALA A 60 -20.39 5.15 -14.18
CA ALA A 60 -21.71 5.72 -14.52
C ALA A 60 -22.08 6.82 -13.54
N LEU A 61 -21.87 6.57 -12.25
CA LEU A 61 -22.04 7.57 -11.20
C LEU A 61 -21.18 8.82 -11.44
N GLU A 62 -19.92 8.62 -11.78
CA GLU A 62 -19.00 9.73 -11.99
C GLU A 62 -19.51 10.63 -13.11
N GLU A 63 -19.94 10.00 -14.19
CA GLU A 63 -20.42 10.73 -15.33
C GLU A 63 -21.65 11.59 -14.96
N ALA A 64 -22.54 10.99 -14.16
CA ALA A 64 -23.75 11.66 -13.68
C ALA A 64 -23.45 12.80 -12.74
N LEU A 65 -22.44 12.62 -11.89
CA LEU A 65 -21.94 13.71 -11.04
C LEU A 65 -21.37 14.90 -11.82
N LYS A 66 -20.82 14.66 -13.01
CA LYS A 66 -20.38 15.73 -13.92
C LYS A 66 -21.42 15.97 -15.00
N ASP A 70 -29.48 15.88 -18.04
CA ASP A 70 -29.48 15.27 -19.38
C ASP A 70 -30.53 14.15 -19.51
N GLY A 71 -31.32 13.96 -18.45
CA GLY A 71 -32.37 12.96 -18.44
C GLY A 71 -31.88 11.56 -18.18
N GLY A 72 -30.64 11.42 -17.75
CA GLY A 72 -30.09 10.12 -17.38
C GLY A 72 -30.64 9.63 -16.05
N GLN A 73 -30.13 8.49 -15.60
CA GLN A 73 -30.62 7.85 -14.37
C GLN A 73 -30.25 8.73 -13.17
N SER A 74 -31.12 8.79 -12.16
CA SER A 74 -30.82 9.55 -10.93
C SER A 74 -29.59 8.97 -10.21
N LEU A 75 -28.96 9.78 -9.36
CA LEU A 75 -27.86 9.27 -8.52
C LEU A 75 -28.33 8.12 -7.62
N GLU A 76 -29.60 8.16 -7.21
CA GLU A 76 -30.19 7.12 -6.38
C GLU A 76 -30.34 5.82 -7.14
N GLU A 77 -30.78 5.89 -8.37
CA GLU A 77 -30.97 4.71 -9.17
C GLU A 77 -29.60 4.07 -9.48
N LEU A 78 -28.62 4.92 -9.79
CA LEU A 78 -27.28 4.44 -10.15
C LEU A 78 -26.54 3.89 -8.92
N SER A 79 -26.79 4.50 -7.76
CA SER A 79 -26.25 4.02 -6.47
C SER A 79 -26.83 2.64 -6.18
N SER A 80 -28.16 2.53 -6.28
CA SER A 80 -28.85 1.26 -6.12
C SER A 80 -28.25 0.18 -6.99
N HIS A 81 -27.88 0.52 -8.23
CA HIS A 81 -27.26 -0.50 -9.06
C HIS A 81 -25.90 -0.93 -8.51
N PHE A 82 -25.05 0.03 -8.12
CA PHE A 82 -23.74 -0.25 -7.52
C PHE A 82 -23.85 -1.18 -6.28
N TYR A 83 -24.80 -0.85 -5.43
CA TYR A 83 -25.01 -1.61 -4.20
C TYR A 83 -25.59 -3.01 -4.46
N THR A 84 -26.23 -3.24 -5.59
CA THR A 84 -26.63 -4.60 -5.98
C THR A 84 -25.38 -5.39 -6.40
N VAL A 85 -24.48 -4.73 -7.11
CA VAL A 85 -23.26 -5.40 -7.58
C VAL A 85 -22.30 -5.70 -6.40
N ILE A 86 -22.15 -4.71 -5.51
CA ILE A 86 -21.25 -4.79 -4.38
C ILE A 86 -22.09 -4.61 -3.10
N PRO A 87 -22.54 -5.73 -2.50
CA PRO A 87 -23.46 -5.65 -1.36
C PRO A 87 -22.79 -5.00 -0.15
N HIS A 88 -23.49 -4.05 0.46
CA HIS A 88 -23.01 -3.33 1.60
C HIS A 88 -23.90 -3.64 2.78
N ASN A 89 -23.36 -3.41 3.96
CA ASN A 89 -24.05 -3.64 5.21
C ASN A 89 -24.00 -2.36 6.04
N PHE A 90 -25.18 -1.87 6.38
CA PHE A 90 -25.33 -0.68 7.22
C PHE A 90 -26.44 -0.95 8.24
N GLY A 91 -26.25 -2.01 9.04
CA GLY A 91 -27.28 -2.48 9.95
C GLY A 91 -28.63 -2.65 9.28
N HIS A 92 -28.65 -3.29 8.12
CA HIS A 92 -29.90 -3.51 7.40
C HIS A 92 -30.82 -2.25 7.37
N SER A 93 -30.18 -1.08 7.22
CA SER A 93 -30.83 0.13 6.74
C SER A 93 -30.44 0.23 5.29
N GLN A 94 -30.94 1.26 4.62
CA GLN A 94 -30.63 1.50 3.21
C GLN A 94 -29.18 2.01 3.17
N PRO A 95 -28.42 1.62 2.12
CA PRO A 95 -27.09 2.22 1.98
C PRO A 95 -27.27 3.63 1.40
N PRO A 96 -26.28 4.53 1.62
CA PRO A 96 -26.43 5.93 1.26
C PRO A 96 -26.13 6.24 -0.23
N PRO A 97 -26.83 7.22 -0.81
CA PRO A 97 -26.57 7.55 -2.22
C PRO A 97 -25.19 8.18 -2.42
N ILE A 98 -24.52 7.83 -3.51
CA ILE A 98 -23.16 8.27 -3.79
C ILE A 98 -23.26 9.56 -4.60
N ASN A 99 -23.24 10.69 -3.91
CA ASN A 99 -23.64 11.98 -4.49
C ASN A 99 -22.65 13.11 -4.24
N SER A 100 -21.38 12.76 -4.08
CA SER A 100 -20.28 13.72 -3.87
C SER A 100 -18.99 13.15 -4.43
N PRO A 101 -18.07 14.02 -4.85
CA PRO A 101 -16.76 13.54 -5.28
C PRO A 101 -16.05 12.70 -4.21
N GLU A 102 -16.14 13.17 -2.97
CA GLU A 102 -15.48 12.52 -1.85
C GLU A 102 -16.01 11.08 -1.62
N LEU A 103 -17.32 10.90 -1.63
CA LEU A 103 -17.91 9.56 -1.46
C LEU A 103 -17.65 8.64 -2.69
N LEU A 104 -17.71 9.21 -3.89
CA LEU A 104 -17.36 8.47 -5.09
C LEU A 104 -15.95 7.90 -4.95
N GLN A 105 -15.01 8.76 -4.57
CA GLN A 105 -13.61 8.30 -4.46
C GLN A 105 -13.46 7.27 -3.36
N ALA A 106 -14.23 7.43 -2.27
CA ALA A 106 -14.17 6.49 -1.14
C ALA A 106 -14.64 5.09 -1.59
N LYS A 107 -15.67 5.05 -2.42
CA LYS A 107 -16.06 3.80 -3.05
C LYS A 107 -15.03 3.27 -4.06
N LYS A 108 -14.35 4.15 -4.79
CA LYS A 108 -13.28 3.66 -5.70
C LYS A 108 -12.15 3.04 -4.85
N ASP A 109 -11.80 3.70 -3.75
CA ASP A 109 -10.76 3.21 -2.85
C ASP A 109 -11.13 1.86 -2.19
N MET A 110 -12.39 1.71 -1.78
CA MET A 110 -12.88 0.43 -1.28
C MET A 110 -12.71 -0.66 -2.34
N LEU A 111 -13.12 -0.39 -3.58
CA LEU A 111 -12.94 -1.41 -4.63
C LEU A 111 -11.49 -1.74 -4.92
N LEU A 112 -10.61 -0.76 -4.81
CA LEU A 112 -9.16 -1.01 -5.02
C LEU A 112 -8.60 -1.95 -3.94
N VAL A 113 -9.08 -1.78 -2.70
CA VAL A 113 -8.69 -2.69 -1.61
C VAL A 113 -9.28 -4.07 -1.87
N LEU A 114 -10.56 -4.14 -2.18
CA LEU A 114 -11.21 -5.38 -2.50
C LEU A 114 -10.55 -6.12 -3.66
N ALA A 115 -10.07 -5.41 -4.66
CA ALA A 115 -9.36 -6.04 -5.79
C ALA A 115 -8.06 -6.70 -5.34
N ASP A 116 -7.39 -6.14 -4.34
CA ASP A 116 -6.20 -6.74 -3.82
C ASP A 116 -6.54 -7.87 -2.87
N ILE A 117 -7.73 -7.83 -2.28
CA ILE A 117 -8.16 -9.01 -1.49
C ILE A 117 -8.42 -10.17 -2.46
N GLU A 118 -9.16 -9.91 -3.52
CA GLU A 118 -9.41 -10.90 -4.53
C GLU A 118 -8.10 -11.42 -5.13
N LEU A 119 -7.12 -10.55 -5.35
CA LEU A 119 -5.80 -10.99 -5.87
C LEU A 119 -5.18 -12.02 -4.92
N ALA A 120 -5.18 -11.74 -3.61
CA ALA A 120 -4.69 -12.72 -2.64
C ALA A 120 -5.48 -14.05 -2.66
N GLN A 121 -6.78 -13.99 -2.82
CA GLN A 121 -7.58 -15.24 -2.92
C GLN A 121 -7.21 -16.06 -4.17
N ALA A 122 -7.09 -15.40 -5.32
CA ALA A 122 -6.78 -16.08 -6.59
C ALA A 122 -5.38 -16.70 -6.51
N LEU A 123 -4.45 -15.96 -5.90
CA LEU A 123 -3.10 -16.42 -5.70
C LEU A 123 -3.09 -17.76 -4.95
N GLN A 124 -3.99 -17.91 -3.99
CA GLN A 124 -4.02 -19.10 -3.15
C GLN A 124 -4.67 -20.33 -3.79
N ALA A 125 -5.31 -20.17 -4.96
CA ALA A 125 -5.91 -21.31 -5.65
C ALA A 125 -4.88 -22.44 -5.81
N VAL A 126 -5.31 -23.68 -5.54
CA VAL A 126 -4.43 -24.85 -5.68
C VAL A 126 -4.23 -25.24 -7.16
N SER A 127 -2.97 -25.27 -7.60
CA SER A 127 -2.66 -25.66 -8.96
C SER A 127 -2.81 -27.17 -9.09
N GLU A 128 -2.69 -27.65 -10.32
CA GLU A 128 -2.92 -29.07 -10.60
C GLU A 128 -1.71 -29.90 -10.23
N GLN A 129 -0.51 -29.37 -10.47
CA GLN A 129 0.71 -30.04 -10.02
C GLN A 129 0.60 -30.35 -8.51
N GLU A 130 0.24 -29.34 -7.71
CA GLU A 130 0.13 -29.50 -6.25
C GLU A 130 -0.81 -30.64 -5.84
N LYS A 131 -1.84 -30.90 -6.65
CA LYS A 131 -2.78 -32.00 -6.34
C LYS A 131 -2.17 -33.38 -6.61
N THR A 132 -1.16 -33.42 -7.49
CA THR A 132 -0.47 -34.66 -7.89
C THR A 132 0.82 -35.00 -7.07
N VAL A 133 1.64 -33.99 -6.71
CA VAL A 133 2.87 -34.23 -5.91
C VAL A 133 2.50 -34.92 -4.59
N GLU A 134 3.39 -35.76 -4.08
CA GLU A 134 3.09 -36.60 -2.90
C GLU A 134 3.54 -35.97 -1.57
N GLU A 135 4.30 -34.88 -1.64
CA GLU A 135 4.68 -34.13 -0.47
C GLU A 135 4.33 -32.68 -0.79
N VAL A 136 3.85 -31.96 0.22
CA VAL A 136 3.54 -30.54 0.05
C VAL A 136 4.33 -29.70 1.07
N PRO A 137 4.60 -28.42 0.71
CA PRO A 137 5.24 -27.56 1.69
C PRO A 137 4.32 -27.33 2.86
N HIS A 138 4.88 -26.99 4.00
CA HIS A 138 4.08 -26.43 5.07
C HIS A 138 3.22 -25.25 4.51
N PRO A 139 1.98 -25.13 4.96
CA PRO A 139 1.11 -24.07 4.39
C PRO A 139 1.74 -22.66 4.41
N LEU A 140 2.54 -22.34 5.41
CA LEU A 140 3.16 -21.01 5.45
C LEU A 140 4.29 -20.90 4.42
N ASP A 141 5.00 -22.00 4.19
CA ASP A 141 6.00 -21.99 3.09
C ASP A 141 5.30 -21.87 1.75
N ARG A 142 4.18 -22.56 1.59
CA ARG A 142 3.45 -22.45 0.32
C ARG A 142 3.06 -20.98 0.12
N ASP A 143 2.47 -20.37 1.14
CA ASP A 143 1.97 -18.99 1.01
C ASP A 143 3.09 -18.00 0.74
N TYR A 144 4.20 -18.12 1.47
CA TYR A 144 5.38 -17.34 1.19
C TYR A 144 5.83 -17.48 -0.30
N GLN A 145 5.90 -18.73 -0.75
CA GLN A 145 6.35 -19.04 -2.12
C GLN A 145 5.45 -18.42 -3.19
N LEU A 146 4.14 -18.38 -2.95
CA LEU A 146 3.20 -17.70 -3.88
C LEU A 146 3.52 -16.22 -4.11
N LEU A 147 4.12 -15.54 -3.15
CA LEU A 147 4.47 -14.13 -3.31
C LEU A 147 5.55 -13.91 -4.38
N LYS A 148 6.35 -14.93 -4.62
CA LYS A 148 7.53 -14.80 -5.51
C LYS A 148 8.28 -13.54 -5.16
N CYS A 149 8.60 -13.43 -3.88
CA CYS A 149 9.21 -12.23 -3.27
C CYS A 149 10.09 -12.69 -2.10
N GLN A 150 11.38 -12.39 -2.15
CA GLN A 150 12.28 -12.82 -1.09
C GLN A 150 12.22 -11.86 0.11
N LEU A 151 12.06 -12.43 1.29
CA LEU A 151 12.00 -11.66 2.50
C LEU A 151 13.11 -12.17 3.37
N GLN A 152 13.90 -11.27 3.90
CA GLN A 152 14.93 -11.66 4.85
C GLN A 152 14.79 -10.81 6.11
N LEU A 153 14.46 -11.47 7.21
CA LEU A 153 14.41 -10.84 8.54
C LEU A 153 15.78 -10.27 8.91
N LEU A 154 15.78 -9.02 9.37
CA LEU A 154 17.01 -8.41 9.80
C LEU A 154 17.20 -8.52 11.30
N ASP A 155 18.43 -8.65 11.77
CA ASP A 155 18.67 -8.42 13.21
C ASP A 155 19.36 -7.12 13.50
N SER A 156 19.56 -6.88 14.81
CA SER A 156 19.96 -5.60 15.41
C SER A 156 21.13 -4.95 14.78
N GLY A 157 22.04 -5.78 14.29
CA GLY A 157 23.27 -5.29 13.73
C GLY A 157 23.44 -5.49 12.23
N ALA A 158 22.34 -5.70 11.49
CA ALA A 158 22.33 -5.45 10.05
C ALA A 158 22.72 -3.96 9.85
N PRO A 159 23.52 -3.67 8.82
CA PRO A 159 24.07 -2.34 8.59
C PRO A 159 23.04 -1.21 8.52
N GLU A 160 21.87 -1.47 7.96
CA GLU A 160 20.81 -0.46 7.85
C GLU A 160 19.84 -0.44 9.03
N TYR A 161 20.00 -1.35 10.00
CA TYR A 161 18.98 -1.47 11.07
C TYR A 161 18.78 -0.16 11.87
N LYS A 162 19.86 0.42 12.36
CA LYS A 162 19.81 1.64 13.15
C LYS A 162 19.42 2.88 12.33
N VAL A 163 19.85 2.88 11.09
CA VAL A 163 19.40 3.90 10.16
C VAL A 163 17.87 3.88 10.01
N ILE A 164 17.28 2.69 9.87
CA ILE A 164 15.84 2.57 9.67
C ILE A 164 15.07 2.92 10.97
N GLN A 165 15.55 2.36 12.07
CA GLN A 165 15.02 2.67 13.37
C GLN A 165 15.01 4.19 13.65
N THR A 166 16.08 4.87 13.28
CA THR A 166 16.23 6.29 13.50
C THR A 166 15.23 7.10 12.65
N TYR A 167 15.04 6.65 11.41
CA TYR A 167 14.05 7.25 10.49
C TYR A 167 12.65 7.14 11.07
N LEU A 168 12.32 5.96 11.56
CA LEU A 168 11.05 5.70 12.22
C LEU A 168 10.88 6.58 13.48
N GLU A 169 11.87 6.59 14.36
CA GLU A 169 11.73 7.31 15.62
C GLU A 169 11.73 8.82 15.46
N GLN A 170 12.57 9.34 14.58
CA GLN A 170 12.72 10.74 14.43
C GLN A 170 11.60 11.39 13.64
N THR A 171 11.00 10.67 12.71
CA THR A 171 9.91 11.22 11.93
C THR A 171 8.50 10.67 12.25
N GLY A 172 8.42 9.73 13.18
CA GLY A 172 7.12 9.23 13.68
C GLY A 172 6.46 10.14 14.72
N SER A 173 5.19 9.92 15.09
CA SER A 173 4.54 10.88 16.01
C SER A 173 5.31 11.02 17.31
N ASN A 174 5.33 12.22 17.89
CA ASN A 174 6.14 12.47 19.08
C ASN A 174 5.63 11.74 20.32
N HIS A 175 4.32 11.60 20.45
CA HIS A 175 3.74 11.08 21.70
C HIS A 175 3.48 9.57 21.71
N ARG A 176 3.04 9.04 20.57
CA ARG A 176 2.69 7.63 20.42
C ARG A 176 3.38 7.03 19.18
N CYS A 177 4.69 7.09 19.15
CA CYS A 177 5.43 6.60 18.00
C CYS A 177 5.13 5.09 17.80
N PRO A 178 4.92 4.66 16.55
CA PRO A 178 4.83 3.19 16.39
C PRO A 178 6.07 2.46 16.93
N THR A 179 5.86 1.32 17.59
CA THR A 179 6.94 0.51 18.14
C THR A 179 7.42 -0.52 17.12
N LEU A 180 8.71 -0.46 16.80
CA LEU A 180 9.30 -1.35 15.83
C LEU A 180 9.36 -2.78 16.36
N GLN A 181 8.75 -3.76 15.67
CA GLN A 181 8.89 -5.17 16.06
C GLN A 181 9.90 -5.89 15.18
N HIS A 182 9.73 -5.80 13.86
CA HIS A 182 10.60 -6.51 12.90
C HIS A 182 10.81 -5.65 11.67
N ILE A 183 11.98 -5.81 11.05
CA ILE A 183 12.24 -5.33 9.70
C ILE A 183 12.59 -6.49 8.83
N TRP A 184 11.94 -6.59 7.64
CA TRP A 184 12.42 -7.47 6.61
C TRP A 184 12.97 -6.68 5.42
N LYS A 185 14.08 -7.16 4.85
CA LYS A 185 14.52 -6.67 3.57
C LYS A 185 13.66 -7.39 2.56
N VAL A 186 13.24 -6.64 1.55
CA VAL A 186 12.32 -7.09 0.52
C VAL A 186 13.06 -7.05 -0.80
N ASN A 187 13.11 -8.20 -1.47
CA ASN A 187 13.62 -8.28 -2.83
C ASN A 187 12.57 -8.91 -3.76
N GLN A 188 11.76 -8.07 -4.39
CA GLN A 188 10.79 -8.56 -5.36
C GLN A 188 11.54 -8.55 -6.68
N GLU A 189 12.04 -9.69 -7.10
CA GLU A 189 12.82 -9.75 -8.34
C GLU A 189 11.96 -9.43 -9.57
N GLY A 190 12.60 -8.84 -10.56
CA GLY A 190 11.83 -8.43 -11.72
C GLY A 190 10.95 -7.24 -11.37
N GLU A 191 11.20 -6.63 -10.20
CA GLU A 191 11.22 -5.17 -10.11
C GLU A 191 12.56 -4.67 -10.64
N GLU A 192 13.58 -5.53 -10.51
CA GLU A 192 14.97 -5.17 -10.81
C GLU A 192 15.13 -4.58 -12.20
N ASP A 193 14.65 -5.29 -13.22
CA ASP A 193 14.85 -4.87 -14.60
C ASP A 193 14.25 -3.47 -14.88
N ARG A 194 12.95 -3.30 -14.62
CA ARG A 194 12.31 -1.99 -14.80
C ARG A 194 12.97 -0.89 -13.95
N PHE A 195 13.35 -1.21 -12.71
CA PHE A 195 14.02 -0.23 -11.84
C PHE A 195 15.42 0.14 -12.36
N GLN A 196 16.10 -0.82 -13.00
CA GLN A 196 17.44 -0.56 -13.57
C GLN A 196 17.39 0.46 -14.71
N ALA A 197 16.24 0.55 -15.38
CA ALA A 197 15.99 1.56 -16.41
C ALA A 197 16.33 3.01 -15.95
N HIS A 198 16.07 3.32 -14.68
CA HIS A 198 16.25 4.67 -14.13
C HIS A 198 17.57 4.83 -13.38
N SER A 199 18.53 3.95 -13.68
CA SER A 199 19.82 3.92 -12.98
C SER A 199 20.65 5.19 -13.17
N LYS A 200 20.39 5.95 -14.23
CA LYS A 200 21.14 7.17 -14.50
C LYS A 200 20.51 8.33 -13.72
N LEU A 201 19.27 8.12 -13.28
CA LEU A 201 18.50 9.09 -12.53
C LEU A 201 19.05 9.12 -11.12
N GLY A 202 19.46 10.30 -10.69
CA GLY A 202 19.98 10.46 -9.38
C GLY A 202 18.80 10.84 -8.50
N ASN A 203 19.12 11.43 -7.37
CA ASN A 203 18.12 11.85 -6.43
C ASN A 203 17.20 10.70 -6.05
N ARG A 204 17.77 9.69 -5.41
CA ARG A 204 16.98 8.60 -4.85
C ARG A 204 16.78 8.87 -3.39
N LYS A 205 15.58 8.57 -2.89
CA LYS A 205 15.29 8.67 -1.49
C LYS A 205 14.49 7.46 -1.00
N LEU A 206 14.79 7.02 0.21
CA LEU A 206 14.05 5.96 0.86
C LEU A 206 12.85 6.60 1.57
N LEU A 207 11.64 6.19 1.17
CA LEU A 207 10.39 6.86 1.59
C LEU A 207 9.36 5.89 2.12
N TRP A 208 8.53 6.38 3.03
CA TRP A 208 7.49 5.55 3.63
C TRP A 208 6.27 5.38 2.74
N HIS A 209 5.66 4.18 2.81
CA HIS A 209 4.36 3.87 2.25
C HIS A 209 3.59 3.01 3.27
N GLY A 210 2.69 3.65 4.01
CA GLY A 210 1.82 2.91 4.93
C GLY A 210 0.63 2.36 4.15
N THR A 211 0.13 1.20 4.55
CA THR A 211 -0.98 0.55 3.90
C THR A 211 -1.93 -0.32 4.81
N ASN A 212 -3.08 -0.71 4.28
CA ASN A 212 -3.99 -1.71 4.83
C ASN A 212 -3.24 -3.05 4.90
N MET A 213 -3.42 -3.74 5.99
CA MET A 213 -2.92 -5.07 6.09
C MET A 213 -3.39 -5.96 4.91
N ALA A 214 -4.61 -5.70 4.47
CA ALA A 214 -5.27 -6.46 3.41
C ALA A 214 -4.65 -6.35 2.04
N VAL A 215 -3.72 -5.42 1.82
CA VAL A 215 -3.13 -5.31 0.50
C VAL A 215 -1.61 -5.62 0.52
N VAL A 216 -1.09 -6.02 1.68
CA VAL A 216 0.32 -6.33 1.80
C VAL A 216 0.72 -7.52 0.88
N ALA A 217 -0.11 -8.58 0.82
CA ALA A 217 0.24 -9.73 -0.01
C ALA A 217 0.32 -9.27 -1.47
N ALA A 218 -0.68 -8.50 -1.89
CA ALA A 218 -0.72 -7.97 -3.25
C ALA A 218 0.51 -7.12 -3.56
N ILE A 219 0.91 -6.25 -2.65
CA ILE A 219 2.08 -5.41 -2.87
C ILE A 219 3.35 -6.26 -2.96
N LEU A 220 3.49 -7.23 -2.08
CA LEU A 220 4.63 -8.13 -2.15
C LEU A 220 4.69 -8.88 -3.46
N THR A 221 3.55 -9.24 -4.02
CA THR A 221 3.49 -9.99 -5.26
C THR A 221 3.76 -9.15 -6.53
N SER A 222 3.30 -7.92 -6.52
CA SER A 222 3.13 -7.14 -7.71
C SER A 222 3.78 -5.81 -7.62
N GLY A 223 4.31 -5.47 -6.44
CA GLY A 223 4.87 -4.14 -6.24
C GLY A 223 3.80 -3.09 -6.03
N LEU A 224 4.23 -1.86 -5.77
CA LEU A 224 3.31 -0.73 -5.67
C LEU A 224 2.88 -0.37 -7.07
N ARG A 225 1.58 -0.15 -7.23
CA ARG A 225 1.00 0.01 -8.56
C ARG A 225 0.20 1.31 -8.65
N ILE A 226 0.01 1.81 -9.88
CA ILE A 226 -0.93 2.90 -10.15
C ILE A 226 -2.07 2.21 -10.85
N MET A 227 -3.24 2.19 -10.23
CA MET A 227 -4.38 1.45 -10.74
C MET A 227 -5.32 2.43 -11.43
N PRO A 228 -6.06 1.96 -12.46
CA PRO A 228 -7.10 2.87 -12.92
C PRO A 228 -7.99 3.15 -11.71
N HIS A 229 -8.53 4.33 -11.67
CA HIS A 229 -9.38 4.78 -10.57
C HIS A 229 -8.68 5.22 -9.30
N SER A 230 -7.37 5.04 -9.22
CA SER A 230 -6.65 5.55 -8.04
C SER A 230 -6.47 7.08 -8.17
N GLY A 231 -6.34 7.73 -7.03
CA GLY A 231 -6.35 9.18 -7.03
C GLY A 231 -6.05 9.68 -5.65
N GLY A 232 -6.04 11.00 -5.51
CA GLY A 232 -5.76 11.63 -4.25
C GLY A 232 -5.44 13.09 -4.49
N ARG A 233 -4.88 13.73 -3.47
CA ARG A 233 -4.66 15.17 -3.50
C ARG A 233 -3.61 15.59 -4.53
N VAL A 234 -2.82 14.64 -5.03
CA VAL A 234 -1.78 14.92 -6.02
C VAL A 234 -1.93 14.04 -7.27
N GLY A 235 -3.13 13.56 -7.48
CA GLY A 235 -3.46 12.81 -8.66
C GLY A 235 -3.16 11.32 -8.67
N LYS A 236 -2.94 10.80 -9.87
CA LYS A 236 -2.93 9.33 -10.15
C LYS A 236 -1.51 8.86 -10.20
N GLY A 237 -0.94 8.67 -9.02
CA GLY A 237 0.42 8.16 -8.94
C GLY A 237 0.57 7.27 -7.75
N ILE A 238 1.83 6.99 -7.38
CA ILE A 238 2.12 6.30 -6.14
C ILE A 238 2.62 7.32 -5.10
N TYR A 239 2.02 7.28 -3.92
CA TYR A 239 2.20 8.24 -2.85
C TYR A 239 3.13 7.69 -1.79
N PHE A 240 4.03 8.57 -1.38
CA PHE A 240 4.98 8.31 -0.33
C PHE A 240 5.11 9.51 0.60
N ALA A 241 5.68 9.26 1.77
CA ALA A 241 5.96 10.34 2.72
C ALA A 241 7.38 10.23 3.26
N SER A 242 7.98 11.38 3.54
CA SER A 242 9.25 11.41 4.24
C SER A 242 9.06 11.37 5.76
N GLU A 243 7.84 11.62 6.22
CA GLU A 243 7.51 11.57 7.66
C GLU A 243 6.69 10.33 7.92
N ASN A 244 7.28 9.42 8.70
CA ASN A 244 6.56 8.21 9.10
C ASN A 244 5.13 8.50 9.62
N SER A 245 4.98 9.56 10.43
CA SER A 245 3.67 9.94 10.97
C SER A 245 2.60 10.21 9.90
N LYS A 246 2.98 10.76 8.74
CA LYS A 246 2.04 10.89 7.61
C LYS A 246 1.60 9.51 7.06
N SER A 247 2.58 8.66 6.76
CA SER A 247 2.27 7.33 6.26
C SER A 247 1.57 6.46 7.28
N ALA A 248 1.83 6.67 8.57
CA ALA A 248 1.21 5.86 9.63
C ALA A 248 -0.30 6.07 9.68
N GLY A 249 -0.75 7.24 9.24
CA GLY A 249 -2.18 7.55 9.13
C GLY A 249 -2.95 6.68 8.17
N TYR A 250 -2.25 6.03 7.24
CA TYR A 250 -2.87 5.12 6.25
C TYR A 250 -2.71 3.66 6.61
N VAL A 251 -2.14 3.39 7.78
CA VAL A 251 -1.96 2.04 8.25
C VAL A 251 -3.25 1.59 8.84
N ILE A 252 -3.81 0.55 8.24
CA ILE A 252 -4.94 -0.14 8.82
C ILE A 252 -4.39 -1.43 9.46
N GLY A 253 -4.39 -1.40 10.79
CA GLY A 253 -3.85 -2.45 11.57
C GLY A 253 -4.98 -3.36 12.00
N MET A 254 -4.61 -4.36 12.79
CA MET A 254 -5.54 -5.36 13.31
C MET A 254 -5.18 -5.70 14.75
N LYS A 255 -6.20 -5.79 15.60
CA LYS A 255 -6.00 -6.24 16.97
C LYS A 255 -5.59 -7.71 16.98
N CYS A 256 -4.47 -8.00 17.64
CA CYS A 256 -3.99 -9.38 17.82
C CYS A 256 -3.57 -9.49 19.28
N GLY A 257 -4.28 -10.32 20.05
CA GLY A 257 -4.02 -10.39 21.48
C GLY A 257 -4.19 -9.01 22.07
N ALA A 258 -3.22 -8.58 22.89
CA ALA A 258 -3.33 -7.27 23.53
C ALA A 258 -2.79 -6.12 22.67
N HIS A 259 -2.34 -6.43 21.46
CA HIS A 259 -1.62 -5.46 20.61
C HIS A 259 -2.35 -5.10 19.32
N HIS A 260 -1.92 -4.01 18.71
CA HIS A 260 -2.45 -3.56 17.44
C HIS A 260 -1.34 -3.66 16.38
N VAL A 261 -1.45 -4.60 15.44
CA VAL A 261 -0.32 -4.90 14.54
C VAL A 261 -0.53 -4.22 13.21
N GLY A 262 0.51 -3.56 12.70
CA GLY A 262 0.45 -2.93 11.36
C GLY A 262 1.73 -3.09 10.57
N TYR A 263 1.64 -2.84 9.27
CA TYR A 263 2.78 -2.96 8.35
C TYR A 263 3.02 -1.70 7.56
N MET A 264 4.28 -1.35 7.37
CA MET A 264 4.65 -0.16 6.62
C MET A 264 5.82 -0.54 5.72
N PHE A 265 5.82 -0.02 4.49
CA PHE A 265 6.93 -0.27 3.58
C PHE A 265 7.88 0.90 3.55
N LEU A 266 9.15 0.60 3.23
CA LEU A 266 10.08 1.61 2.76
C LEU A 266 10.43 1.26 1.33
N GLY A 267 10.26 2.23 0.44
CA GLY A 267 10.59 2.05 -0.98
C GLY A 267 11.72 2.96 -1.36
N GLU A 268 12.59 2.50 -2.26
CA GLU A 268 13.60 3.35 -2.86
C GLU A 268 12.97 3.99 -4.06
N VAL A 269 12.93 5.32 -4.06
CA VAL A 269 12.19 6.03 -5.07
C VAL A 269 13.19 6.92 -5.83
N ALA A 270 13.30 6.70 -7.16
CA ALA A 270 14.14 7.51 -8.03
C ALA A 270 13.33 8.74 -8.39
N LEU A 271 13.57 9.82 -7.67
CA LEU A 271 12.74 11.03 -7.80
C LEU A 271 13.21 11.92 -8.96
N GLY A 272 14.51 11.83 -9.29
CA GLY A 272 15.12 12.69 -10.32
C GLY A 272 14.91 14.18 -10.06
N ARG A 273 14.61 14.92 -11.12
CA ARG A 273 14.29 16.34 -11.03
C ARG A 273 12.84 16.56 -10.48
N GLU A 274 12.76 17.20 -9.33
CA GLU A 274 11.51 17.33 -8.59
C GLU A 274 10.72 18.57 -8.96
N HIS A 275 9.41 18.42 -9.17
CA HIS A 275 8.52 19.57 -9.29
C HIS A 275 7.77 19.75 -7.97
N HIS A 276 7.97 20.91 -7.34
CA HIS A 276 7.31 21.20 -6.07
C HIS A 276 6.00 21.97 -6.23
N ILE A 277 4.95 21.52 -5.55
CA ILE A 277 3.69 22.23 -5.54
C ILE A 277 3.31 22.53 -4.10
N ASN A 278 2.40 23.50 -3.91
CA ASN A 278 1.96 23.88 -2.54
C ASN A 278 0.46 24.04 -2.42
N THR A 279 -0.26 23.46 -3.39
CA THR A 279 -1.70 23.38 -3.36
C THR A 279 -2.10 22.10 -4.05
N ASP A 280 -3.25 21.55 -3.64
CA ASP A 280 -3.72 20.24 -4.11
C ASP A 280 -3.98 20.28 -5.61
N ASN A 281 -3.63 19.20 -6.31
CA ASN A 281 -4.06 19.02 -7.72
C ASN A 281 -4.44 17.55 -7.98
N PRO A 282 -5.70 17.18 -7.68
CA PRO A 282 -6.12 15.80 -7.87
C PRO A 282 -6.14 15.32 -9.32
N SER A 283 -5.98 16.24 -10.28
CA SER A 283 -6.06 15.92 -11.72
C SER A 283 -4.71 15.60 -12.37
N LEU A 284 -3.63 15.55 -11.60
CA LEU A 284 -2.31 15.25 -12.15
C LEU A 284 -2.20 13.78 -12.53
N LYS A 285 -1.62 13.51 -13.70
CA LYS A 285 -1.36 12.15 -14.20
C LYS A 285 0.11 11.92 -14.45
N SER A 286 0.91 12.98 -14.37
CA SER A 286 2.33 12.94 -14.67
C SER A 286 2.96 14.22 -14.12
N PRO A 287 4.30 14.26 -13.95
CA PRO A 287 4.90 15.54 -13.66
C PRO A 287 4.85 16.42 -14.90
N PRO A 288 5.14 17.74 -14.75
CA PRO A 288 5.31 18.53 -15.96
C PRO A 288 6.53 18.10 -16.78
N PRO A 289 6.60 18.53 -18.06
CA PRO A 289 7.67 18.15 -18.91
C PRO A 289 9.06 18.48 -18.37
N GLY A 290 9.94 17.51 -18.46
CA GLY A 290 11.29 17.64 -17.92
C GLY A 290 11.36 17.44 -16.41
N PHE A 291 10.27 17.07 -15.76
CA PHE A 291 10.36 16.61 -14.38
C PHE A 291 10.05 15.12 -14.22
N ASP A 292 10.66 14.50 -13.21
CA ASP A 292 10.50 13.05 -12.94
C ASP A 292 9.57 12.70 -11.73
N SER A 293 9.18 13.71 -10.97
CA SER A 293 8.33 13.49 -9.81
C SER A 293 7.65 14.83 -9.42
N VAL A 294 6.61 14.73 -8.60
CA VAL A 294 5.92 15.86 -8.01
C VAL A 294 5.96 15.74 -6.48
N ILE A 295 6.49 16.73 -5.82
CA ILE A 295 6.49 16.73 -4.36
C ILE A 295 5.52 17.82 -3.90
N ALA A 296 4.41 17.39 -3.31
CA ALA A 296 3.54 18.31 -2.58
C ALA A 296 4.20 18.62 -1.25
N ARG A 297 4.78 19.82 -1.17
CA ARG A 297 5.67 20.17 -0.09
C ARG A 297 4.92 20.59 1.17
N GLY A 298 5.32 19.99 2.27
CA GLY A 298 4.69 20.27 3.54
C GLY A 298 5.22 21.50 4.30
N HIS A 299 4.46 21.91 5.31
CA HIS A 299 4.92 22.94 6.29
C HIS A 299 6.24 22.53 6.90
N THR A 300 6.45 21.20 7.03
CA THR A 300 7.64 20.67 7.65
C THR A 300 8.33 19.63 6.77
N GLU A 301 9.57 19.31 7.12
CA GLU A 301 10.32 18.26 6.45
C GLU A 301 11.34 17.78 7.44
N PRO A 302 11.63 16.46 7.46
CA PRO A 302 12.75 15.97 8.23
C PRO A 302 13.99 16.81 7.95
N ASP A 303 14.55 17.37 9.02
CA ASP A 303 15.71 18.27 8.93
C ASP A 303 16.75 17.79 7.90
N PRO A 304 16.84 18.46 6.73
CA PRO A 304 17.71 17.90 5.69
C PRO A 304 19.21 17.77 6.09
N THR A 305 19.63 18.52 7.11
CA THR A 305 21.01 18.56 7.57
C THR A 305 21.41 17.25 8.22
N GLN A 306 20.39 16.48 8.60
CA GLN A 306 20.62 15.18 9.21
C GLN A 306 20.42 14.01 8.24
N ASP A 307 20.19 14.29 6.95
CA ASP A 307 20.04 13.19 5.98
C ASP A 307 21.30 12.32 6.02
N THR A 308 21.14 11.01 6.01
CA THR A 308 22.24 10.12 5.71
C THR A 308 22.00 9.40 4.38
N GLU A 309 22.90 8.46 4.05
CA GLU A 309 22.73 7.63 2.86
C GLU A 309 22.94 6.16 3.18
N LEU A 310 22.22 5.34 2.45
CA LEU A 310 22.51 3.92 2.36
C LEU A 310 22.94 3.63 0.93
N GLU A 311 23.68 2.55 0.78
CA GLU A 311 24.06 2.03 -0.51
C GLU A 311 23.27 0.79 -0.82
N LEU A 312 22.47 0.86 -1.87
CA LEU A 312 21.55 -0.22 -2.21
C LEU A 312 21.82 -0.51 -3.69
N ASP A 313 22.21 -1.75 -3.97
CA ASP A 313 22.58 -2.19 -5.32
C ASP A 313 23.58 -1.22 -5.96
N GLY A 314 24.57 -0.78 -5.19
CA GLY A 314 25.58 0.17 -5.65
C GLY A 314 25.20 1.61 -5.93
N GLN A 315 23.98 2.03 -5.55
CA GLN A 315 23.49 3.41 -5.72
C GLN A 315 23.37 4.02 -4.33
N GLN A 316 23.61 5.31 -4.24
CA GLN A 316 23.42 6.02 -2.99
C GLN A 316 21.94 6.36 -2.88
N VAL A 317 21.34 6.07 -1.73
CA VAL A 317 19.92 6.39 -1.46
C VAL A 317 19.86 7.27 -0.22
N VAL A 318 19.29 8.47 -0.34
CA VAL A 318 19.15 9.34 0.82
C VAL A 318 18.10 8.78 1.82
N VAL A 319 18.45 8.80 3.11
CA VAL A 319 17.54 8.39 4.15
C VAL A 319 17.49 9.53 5.15
N PRO A 320 16.32 10.15 5.29
CA PRO A 320 16.19 11.14 6.36
C PRO A 320 16.40 10.54 7.77
N GLN A 321 17.02 11.33 8.66
CA GLN A 321 17.24 10.94 10.08
C GLN A 321 16.85 12.06 11.05
N GLY A 322 16.38 13.20 10.53
CA GLY A 322 16.09 14.37 11.39
C GLY A 322 14.64 14.45 11.80
N GLN A 323 14.38 15.12 12.93
CA GLN A 323 13.00 15.47 13.29
C GLN A 323 12.49 16.49 12.29
N PRO A 324 11.15 16.59 12.16
CA PRO A 324 10.66 17.55 11.17
C PRO A 324 10.96 18.99 11.59
N VAL A 325 11.38 19.82 10.67
CA VAL A 325 11.53 21.26 10.97
C VAL A 325 10.67 22.08 10.02
N PRO A 326 10.35 23.35 10.38
CA PRO A 326 9.58 24.19 9.45
C PRO A 326 10.35 24.55 8.18
N CYS A 327 9.66 24.55 7.05
CA CYS A 327 10.16 25.05 5.80
C CYS A 327 9.46 26.37 5.46
N PRO A 328 10.06 27.51 5.82
CA PRO A 328 9.37 28.80 5.64
C PRO A 328 8.80 29.02 4.27
N GLU A 329 9.42 28.48 3.23
CA GLU A 329 8.96 28.73 1.88
C GLU A 329 7.63 28.02 1.59
N PHE A 330 7.30 27.00 2.37
CA PHE A 330 6.04 26.30 2.20
C PHE A 330 5.15 26.45 3.43
N SER A 331 5.34 27.51 4.21
CA SER A 331 4.54 27.77 5.40
C SER A 331 3.05 27.95 5.10
N SER A 332 2.72 28.38 3.89
CA SER A 332 1.35 28.57 3.47
C SER A 332 0.82 27.41 2.59
N SER A 333 1.60 26.33 2.47
CA SER A 333 1.16 25.18 1.67
C SER A 333 -0.14 24.56 2.21
N THR A 334 -0.92 24.01 1.29
CA THR A 334 -2.12 23.30 1.68
C THR A 334 -1.80 21.95 2.34
N PHE A 335 -0.50 21.57 2.33
CA PHE A 335 -0.05 20.28 2.84
C PHE A 335 0.69 20.53 4.13
N SER A 336 0.24 19.93 5.24
CA SER A 336 1.02 20.00 6.49
C SER A 336 2.33 19.22 6.41
N GLN A 337 2.29 18.08 5.72
CA GLN A 337 3.45 17.18 5.56
C GLN A 337 3.58 16.84 4.08
N SER A 338 4.81 16.59 3.64
CA SER A 338 5.03 16.38 2.21
C SER A 338 4.44 15.04 1.73
N GLU A 339 3.94 15.07 0.49
CA GLU A 339 3.56 13.89 -0.25
C GLU A 339 4.43 13.82 -1.47
N TYR A 340 5.20 12.74 -1.58
CA TYR A 340 6.08 12.48 -2.71
C TYR A 340 5.39 11.59 -3.73
N LEU A 341 5.28 12.05 -4.99
CA LEU A 341 4.58 11.36 -6.05
C LEU A 341 5.50 10.97 -7.24
N ILE A 342 5.34 9.72 -7.66
CA ILE A 342 5.85 9.25 -8.97
C ILE A 342 4.69 8.75 -9.75
N TYR A 343 4.79 8.80 -11.07
CA TYR A 343 3.68 8.46 -11.96
C TYR A 343 4.09 7.33 -12.92
N GLN A 344 5.21 6.66 -12.63
CA GLN A 344 5.60 5.39 -13.28
C GLN A 344 5.95 4.38 -12.20
N GLU A 345 5.28 3.24 -12.20
CA GLU A 345 5.57 2.12 -11.26
C GLU A 345 7.04 1.76 -11.24
N SER A 346 7.74 1.91 -12.38
CA SER A 346 9.18 1.61 -12.44
C SER A 346 10.09 2.48 -11.58
N GLN A 347 9.64 3.66 -11.15
CA GLN A 347 10.51 4.55 -10.37
C GLN A 347 10.62 4.21 -8.88
N CYS A 348 9.96 3.14 -8.43
CA CYS A 348 10.01 2.74 -7.02
C CYS A 348 10.41 1.28 -6.96
N ARG A 349 11.27 0.95 -6.02
CA ARG A 349 11.56 -0.44 -5.71
C ARG A 349 11.34 -0.71 -4.22
N LEU A 350 10.55 -1.73 -3.88
CA LEU A 350 10.38 -2.07 -2.45
C LEU A 350 11.72 -2.51 -1.88
N ARG A 351 12.03 -2.01 -0.70
CA ARG A 351 13.30 -2.33 -0.04
C ARG A 351 13.14 -2.97 1.33
N TYR A 352 12.20 -2.46 2.14
CA TYR A 352 12.01 -2.95 3.50
C TYR A 352 10.51 -3.00 3.81
N LEU A 353 10.17 -3.95 4.68
CA LEU A 353 8.87 -4.06 5.32
C LEU A 353 9.05 -4.07 6.84
N LEU A 354 8.25 -3.27 7.53
CA LEU A 354 8.31 -3.15 8.96
C LEU A 354 6.99 -3.58 9.58
N GLU A 355 7.08 -4.38 10.63
CA GLU A 355 5.96 -4.64 11.51
C GLU A 355 6.08 -3.68 12.69
N VAL A 356 5.00 -2.99 13.02
CA VAL A 356 4.96 -1.98 14.09
C VAL A 356 3.74 -2.26 14.96
N HIS A 357 3.89 -2.06 16.28
CA HIS A 357 2.76 -2.21 17.19
C HIS A 357 2.48 -0.79 17.73
CAH 1DC B . -5.39 0.26 -1.97
CAF 1DC B . -4.92 -0.52 -3.06
NAN 1DC B . -4.46 0.14 -4.23
CAG 1DC B . -4.49 1.58 -4.28
CAI 1DC B . -4.98 2.30 -3.18
CAS 1DC B . -5.42 1.66 -2.02
CAX 1DC B . -5.93 2.39 -0.91
CAA 1DC B . -7.29 2.94 -1.31
NAP 1DC B . -5.09 3.55 -0.51
CAR 1DC B . -3.88 3.47 0.09
OAB 1DC B . -3.28 2.40 0.30
CAL 1DC B . -3.22 4.83 0.40
CAM 1DC B . -1.84 4.54 1.05
CAT 1DC B . -1.03 5.69 1.30
NAO 1DC B . -1.29 6.94 0.88
CAV 1DC B . -0.44 7.95 1.13
CAJ 1DC B . -0.77 9.22 0.73
CAD 1DC B . 0.08 10.32 0.98
CAE 1DC B . 1.27 10.10 1.66
CAK 1DC B . 1.59 8.82 2.11
CAW 1DC B . 0.74 7.75 1.87
CAU 1DC B . 1.05 6.47 2.28
OAC 1DC B . 2.07 6.19 2.93
NAQ 1DC B . 0.16 5.46 2.00
S DMS C . -1.01 -0.05 -4.31
O DMS C . 0.26 -1.05 -5.02
C1 DMS C . -1.76 -0.90 -2.89
C2 DMS C . -0.35 1.41 -3.46
#